data_1KBG
#
_entry.id   1KBG
#
_cell.length_a   135.870
_cell.length_b   86.840
_cell.length_c   44.980
_cell.angle_alpha   90.00
_cell.angle_beta   90.00
_cell.angle_gamma   90.00
#
_symmetry.space_group_name_H-M   'P 21 21 2'
#
loop_
_entity.id
_entity.type
_entity.pdbx_description
1 polymer 'PROTEIN (MAJOR HISTOCOMPATIBILITY COMPLEX CLASS I ANTIGEN H-2KB)'
2 polymer 'PROTEIN (BETA-2-MICROGLOBULIN)'
3 polymer 'PROTEIN (SYNTHETIC GLYCOPEPTIDE RGY8-6H-GAL2)'
4 branched 2-acetamido-2-deoxy-beta-D-glucopyranose-(1-4)-[alpha-L-fucopyranose-(1-6)]2-acetamido-2-deoxy-beta-D-glucopyranose
5 branched alpha-D-galactopyranose-(1-4)-beta-D-galactopyranose
6 non-polymer 2-acetamido-2-deoxy-beta-D-glucopyranose
7 water water
#
loop_
_entity_poly.entity_id
_entity_poly.type
_entity_poly.pdbx_seq_one_letter_code
_entity_poly.pdbx_strand_id
1 'polypeptide(L)'
;GPHSLRYFVTAVSRPGLGEPRYMEVGYVDDTEFVRFDSDAENPRYEPRARWMEQEGPEYWERETQKAKGNEQSFRVDLRT
LLGYYNQSKGGSHTIQVISGCEVGSDGRLLRGYQQYAYDGCDYIALNEDLKTWTAADMAALITKHKWEQAGEAERLRAYL
EGTCVEWLRRYLKNGNATLLRTDSPKAHVTHHSRPEDKVTLRCWALGFYPADITLTWQLNGEELIQDMELVETRPAGDGT
FQKWASVVVPLGKEQYYTCHVYHQGLPEPLTLRW
;
H
2 'polypeptide(L)'
;IQKTPQIQVYSRHPPENGKPNILNCYVTQFHPPHIEIQMLKNGKKIPKVEMSDMSFSKDWSFYILAHTEFTPTETDTYAC
RVKHDSMAEPKTVYWDRDM
;
L
3 'polypeptide(L)' RGYVY(ESC)GL P
#
# COMPACT_ATOMS: atom_id res chain seq x y z
N GLY A 1 19.38 -7.19 -6.18
CA GLY A 1 19.39 -7.05 -4.69
C GLY A 1 18.36 -7.94 -4.01
N PRO A 2 18.00 -7.65 -2.74
CA PRO A 2 17.01 -8.46 -2.03
C PRO A 2 15.61 -8.26 -2.59
N HIS A 3 14.76 -9.26 -2.42
CA HIS A 3 13.38 -9.18 -2.90
C HIS A 3 12.45 -9.73 -1.81
N SER A 4 11.16 -9.36 -1.87
CA SER A 4 10.19 -9.83 -0.88
C SER A 4 8.84 -10.30 -1.44
N LEU A 5 8.20 -11.23 -0.72
CA LEU A 5 6.87 -11.74 -1.08
C LEU A 5 6.00 -11.45 0.13
N ARG A 6 5.05 -10.53 -0.03
CA ARG A 6 4.17 -10.11 1.06
C ARG A 6 2.68 -10.34 0.79
N TYR A 7 1.94 -10.70 1.83
CA TYR A 7 0.48 -10.91 1.78
C TYR A 7 -0.22 -10.11 2.86
N PHE A 8 -1.06 -9.17 2.43
CA PHE A 8 -1.85 -8.35 3.35
C PHE A 8 -3.26 -8.91 3.41
N VAL A 9 -3.64 -9.41 4.58
CA VAL A 9 -4.96 -9.99 4.78
C VAL A 9 -5.81 -9.17 5.73
N THR A 10 -7.06 -8.92 5.34
CA THR A 10 -7.99 -8.16 6.16
C THR A 10 -9.36 -8.80 6.18
N ALA A 11 -9.95 -8.86 7.38
CA ALA A 11 -11.28 -9.39 7.58
C ALA A 11 -11.99 -8.38 8.47
N VAL A 12 -13.05 -7.79 7.94
CA VAL A 12 -13.82 -6.76 8.67
C VAL A 12 -15.27 -7.20 8.88
N SER A 13 -15.73 -7.22 10.11
CA SER A 13 -17.11 -7.58 10.37
C SER A 13 -18.04 -6.36 10.21
N ARG A 14 -19.26 -6.62 9.76
CA ARG A 14 -20.23 -5.56 9.56
C ARG A 14 -21.60 -6.06 10.01
N PRO A 15 -21.84 -6.03 11.33
CA PRO A 15 -23.09 -6.49 11.94
C PRO A 15 -24.34 -5.91 11.28
N GLY A 16 -25.31 -6.78 11.07
CA GLY A 16 -26.54 -6.35 10.46
C GLY A 16 -26.43 -6.11 8.98
N LEU A 17 -25.24 -6.32 8.42
CA LEU A 17 -25.02 -6.11 6.99
C LEU A 17 -24.54 -7.38 6.28
N GLY A 18 -24.61 -8.51 6.97
CA GLY A 18 -24.20 -9.77 6.39
C GLY A 18 -22.84 -10.24 6.86
N GLU A 19 -22.28 -11.18 6.11
CA GLU A 19 -20.98 -11.76 6.40
C GLU A 19 -19.86 -10.73 6.29
N PRO A 20 -18.76 -10.95 7.02
CA PRO A 20 -17.64 -10.01 6.98
C PRO A 20 -16.92 -9.95 5.62
N ARG A 21 -16.29 -8.81 5.34
CA ARG A 21 -15.53 -8.57 4.11
C ARG A 21 -14.16 -9.22 4.31
N TYR A 22 -13.70 -10.00 3.35
CA TYR A 22 -12.40 -10.64 3.46
C TYR A 22 -11.55 -10.31 2.25
N MET A 23 -10.31 -9.91 2.50
CA MET A 23 -9.45 -9.54 1.39
C MET A 23 -8.00 -9.98 1.56
N GLU A 24 -7.42 -10.48 0.47
CA GLU A 24 -6.01 -10.89 0.45
C GLU A 24 -5.35 -10.18 -0.73
N VAL A 25 -4.29 -9.44 -0.49
CA VAL A 25 -3.60 -8.75 -1.57
C VAL A 25 -2.13 -9.17 -1.55
N GLY A 26 -1.65 -9.67 -2.68
CA GLY A 26 -0.28 -10.12 -2.79
C GLY A 26 0.69 -9.16 -3.48
N TYR A 27 1.92 -9.11 -2.99
CA TYR A 27 2.97 -8.24 -3.50
C TYR A 27 4.31 -8.93 -3.64
N VAL A 28 4.99 -8.64 -4.73
CA VAL A 28 6.33 -9.15 -4.93
C VAL A 28 7.06 -7.84 -5.08
N ASP A 29 7.74 -7.44 -4.02
CA ASP A 29 8.47 -6.20 -3.91
C ASP A 29 7.44 -5.12 -3.82
N ASP A 30 7.55 -4.12 -4.68
CA ASP A 30 6.61 -3.01 -4.65
C ASP A 30 5.38 -3.13 -5.56
N THR A 31 5.29 -4.18 -6.35
CA THR A 31 4.16 -4.32 -7.25
C THR A 31 3.16 -5.43 -6.89
N GLU A 32 1.88 -5.04 -6.89
CA GLU A 32 0.79 -5.95 -6.59
C GLU A 32 0.75 -7.00 -7.70
N PHE A 33 0.54 -8.26 -7.34
CA PHE A 33 0.49 -9.33 -8.35
C PHE A 33 -0.71 -10.29 -8.25
N VAL A 34 -1.38 -10.31 -7.09
CA VAL A 34 -2.56 -11.15 -6.86
C VAL A 34 -3.53 -10.53 -5.87
N ARG A 35 -4.78 -10.99 -5.90
CA ARG A 35 -5.79 -10.46 -4.99
C ARG A 35 -7.07 -11.29 -4.89
N PHE A 36 -7.62 -11.37 -3.69
CA PHE A 36 -8.88 -12.07 -3.45
C PHE A 36 -9.79 -11.09 -2.71
N ASP A 37 -11.02 -10.97 -3.16
CA ASP A 37 -11.99 -10.05 -2.55
C ASP A 37 -13.33 -10.78 -2.42
N SER A 38 -13.78 -10.97 -1.18
CA SER A 38 -15.05 -11.65 -0.89
C SER A 38 -16.26 -10.95 -1.51
N ASP A 39 -16.20 -9.63 -1.66
CA ASP A 39 -17.31 -8.87 -2.23
C ASP A 39 -17.43 -9.01 -3.75
N ALA A 40 -18.12 -10.05 -4.18
CA ALA A 40 -18.34 -10.34 -5.59
C ALA A 40 -18.90 -11.74 -5.68
N GLU A 41 -19.95 -11.94 -6.48
CA GLU A 41 -20.50 -13.28 -6.67
C GLU A 41 -19.38 -13.98 -7.45
N ASN A 42 -19.10 -15.24 -7.10
CA ASN A 42 -18.00 -15.97 -7.74
C ASN A 42 -16.69 -15.24 -7.44
N PRO A 43 -16.41 -15.02 -6.14
CA PRO A 43 -15.15 -14.34 -5.84
C PRO A 43 -14.01 -15.34 -6.05
N ARG A 44 -12.98 -14.93 -6.77
CA ARG A 44 -11.86 -15.80 -7.03
C ARG A 44 -10.54 -15.08 -6.87
N TYR A 45 -9.45 -15.84 -6.86
CA TYR A 45 -8.13 -15.26 -6.77
C TYR A 45 -7.86 -14.80 -8.21
N GLU A 46 -7.45 -13.53 -8.36
CA GLU A 46 -7.20 -12.97 -9.68
C GLU A 46 -5.80 -12.39 -9.80
N PRO A 47 -5.24 -12.47 -11.04
CA PRO A 47 -3.89 -11.90 -11.26
C PRO A 47 -3.99 -10.38 -11.23
N ARG A 48 -2.92 -9.73 -10.76
CA ARG A 48 -2.90 -8.29 -10.64
C ARG A 48 -1.68 -7.73 -11.38
N ALA A 49 -0.81 -8.63 -11.82
CA ALA A 49 0.39 -8.28 -12.59
C ALA A 49 0.34 -9.09 -13.89
N ARG A 50 0.78 -8.49 -14.99
CA ARG A 50 0.76 -9.15 -16.28
C ARG A 50 1.45 -10.52 -16.34
N TRP A 51 2.65 -10.61 -15.77
CA TRP A 51 3.42 -11.86 -15.78
C TRP A 51 2.76 -13.06 -15.12
N MET A 52 1.70 -12.84 -14.35
CA MET A 52 1.01 -13.96 -13.70
C MET A 52 0.17 -14.76 -14.66
N GLU A 53 0.14 -14.36 -15.92
CA GLU A 53 -0.60 -15.07 -16.96
C GLU A 53 0.09 -16.41 -17.22
N GLN A 54 1.37 -16.49 -16.82
CA GLN A 54 2.21 -17.67 -17.00
C GLN A 54 1.87 -18.79 -16.03
N GLU A 55 0.86 -18.55 -15.20
CA GLU A 55 0.51 -19.57 -14.21
C GLU A 55 -0.27 -20.82 -14.58
N GLY A 56 -1.45 -20.71 -15.19
CA GLY A 56 -2.16 -21.93 -15.51
C GLY A 56 -3.36 -22.12 -14.61
N PRO A 57 -4.40 -22.79 -15.14
CA PRO A 57 -5.67 -23.08 -14.45
C PRO A 57 -5.54 -23.57 -13.03
N GLU A 58 -4.72 -24.58 -12.85
CA GLU A 58 -4.47 -25.21 -11.54
C GLU A 58 -4.12 -24.21 -10.45
N TYR A 59 -3.18 -23.32 -10.76
CA TYR A 59 -2.72 -22.31 -9.81
C TYR A 59 -3.85 -21.50 -9.21
N TRP A 60 -4.69 -20.96 -10.07
CA TRP A 60 -5.83 -20.13 -9.70
C TRP A 60 -6.91 -20.89 -8.96
N GLU A 61 -7.13 -22.13 -9.35
CA GLU A 61 -8.14 -22.95 -8.70
C GLU A 61 -7.74 -23.23 -7.24
N ARG A 62 -6.50 -23.68 -7.05
CA ARG A 62 -5.98 -23.99 -5.71
C ARG A 62 -5.92 -22.78 -4.79
N GLU A 63 -5.43 -21.65 -5.28
CA GLU A 63 -5.36 -20.43 -4.48
C GLU A 63 -6.74 -19.96 -4.06
N THR A 64 -7.73 -20.13 -4.94
CA THR A 64 -9.10 -19.73 -4.66
C THR A 64 -9.70 -20.57 -3.53
N GLN A 65 -9.51 -21.89 -3.60
CA GLN A 65 -10.03 -22.81 -2.58
C GLN A 65 -9.35 -22.52 -1.26
N LYS A 66 -8.08 -22.15 -1.36
CA LYS A 66 -7.27 -21.82 -0.21
C LYS A 66 -7.77 -20.52 0.41
N ALA A 67 -8.03 -19.52 -0.43
CA ALA A 67 -8.52 -18.23 0.06
C ALA A 67 -9.90 -18.34 0.69
N LYS A 68 -10.75 -19.19 0.14
CA LYS A 68 -12.10 -19.34 0.70
C LYS A 68 -12.12 -20.01 2.07
N GLY A 69 -11.12 -20.85 2.33
CA GLY A 69 -10.96 -21.55 3.59
C GLY A 69 -10.49 -20.55 4.62
N ASN A 70 -9.54 -19.71 4.22
CA ASN A 70 -8.99 -18.67 5.09
C ASN A 70 -10.10 -17.69 5.46
N GLU A 71 -10.92 -17.36 4.47
CA GLU A 71 -12.05 -16.45 4.68
C GLU A 71 -12.93 -16.91 5.82
N GLN A 72 -13.19 -18.22 5.85
CA GLN A 72 -14.01 -18.81 6.89
C GLN A 72 -13.31 -18.85 8.24
N SER A 73 -11.97 -18.97 8.21
CA SER A 73 -11.19 -19.00 9.43
C SER A 73 -11.24 -17.68 10.14
N PHE A 74 -11.08 -16.59 9.39
CA PHE A 74 -11.14 -15.26 9.98
C PHE A 74 -12.58 -14.89 10.39
N ARG A 75 -13.56 -15.46 9.71
CA ARG A 75 -14.96 -15.24 10.03
C ARG A 75 -15.14 -15.79 11.45
N VAL A 76 -14.61 -16.99 11.69
CA VAL A 76 -14.65 -17.62 13.01
C VAL A 76 -13.81 -16.83 14.02
N ASP A 77 -12.62 -16.39 13.60
CA ASP A 77 -11.72 -15.60 14.47
C ASP A 77 -12.38 -14.36 15.04
N LEU A 78 -13.13 -13.65 14.20
CA LEU A 78 -13.80 -12.43 14.64
C LEU A 78 -14.77 -12.70 15.78
N ARG A 79 -15.45 -13.84 15.71
CA ARG A 79 -16.40 -14.25 16.74
C ARG A 79 -15.61 -14.66 17.98
N THR A 80 -14.51 -15.37 17.79
CA THR A 80 -13.63 -15.82 18.86
C THR A 80 -13.08 -14.65 19.65
N LEU A 81 -12.55 -13.66 18.94
CA LEU A 81 -11.99 -12.47 19.58
C LEU A 81 -13.03 -11.66 20.36
N LEU A 82 -14.31 -11.74 19.97
CA LEU A 82 -15.37 -11.03 20.70
C LEU A 82 -15.51 -11.71 22.05
N GLY A 83 -15.12 -12.98 22.11
CA GLY A 83 -15.17 -13.71 23.35
C GLY A 83 -13.95 -13.38 24.18
N TYR A 84 -12.79 -13.33 23.54
CA TYR A 84 -11.54 -13.03 24.23
C TYR A 84 -11.60 -11.67 24.89
N TYR A 85 -12.15 -10.70 24.16
CA TYR A 85 -12.25 -9.32 24.63
C TYR A 85 -13.55 -8.93 25.33
N ASN A 86 -14.55 -9.82 25.32
CA ASN A 86 -15.83 -9.52 25.96
C ASN A 86 -16.46 -8.30 25.28
N GLN A 87 -16.71 -8.41 23.97
CA GLN A 87 -17.27 -7.31 23.20
C GLN A 87 -18.68 -7.57 22.66
N SER A 88 -19.37 -6.49 22.29
CA SER A 88 -20.74 -6.56 21.76
C SER A 88 -20.74 -7.26 20.42
N LYS A 89 -21.86 -7.94 20.11
CA LYS A 89 -22.03 -8.65 18.86
C LYS A 89 -22.43 -7.73 17.71
N GLY A 90 -22.69 -6.46 18.02
CA GLY A 90 -23.09 -5.51 16.99
C GLY A 90 -22.11 -4.44 16.58
N GLY A 91 -20.89 -4.48 17.10
CA GLY A 91 -19.90 -3.48 16.72
C GLY A 91 -19.00 -4.02 15.62
N SER A 92 -18.51 -3.14 14.77
CA SER A 92 -17.61 -3.56 13.69
C SER A 92 -16.17 -3.74 14.22
N HIS A 93 -15.47 -4.74 13.70
CA HIS A 93 -14.08 -5.05 14.13
C HIS A 93 -13.20 -5.50 12.98
N THR A 94 -11.90 -5.26 13.11
CA THR A 94 -10.95 -5.63 12.06
C THR A 94 -9.79 -6.49 12.54
N ILE A 95 -9.42 -7.46 11.72
CA ILE A 95 -8.27 -8.33 11.96
C ILE A 95 -7.38 -8.15 10.75
N GLN A 96 -6.08 -8.01 10.97
CA GLN A 96 -5.12 -7.83 9.88
C GLN A 96 -3.90 -8.73 10.04
N VAL A 97 -3.30 -9.12 8.92
CA VAL A 97 -2.11 -9.96 8.97
C VAL A 97 -1.18 -9.59 7.83
N ILE A 98 0.10 -9.54 8.13
CA ILE A 98 1.10 -9.30 7.10
C ILE A 98 2.07 -10.49 7.23
N SER A 99 2.08 -11.33 6.19
CA SER A 99 2.91 -12.53 6.13
C SER A 99 3.87 -12.37 4.97
N GLY A 100 5.06 -12.99 5.05
CA GLY A 100 6.00 -12.87 3.94
C GLY A 100 7.42 -13.31 4.19
N CYS A 101 8.24 -13.22 3.16
CA CYS A 101 9.63 -13.60 3.24
C CYS A 101 10.47 -12.75 2.31
N GLU A 102 11.73 -12.54 2.67
CA GLU A 102 12.65 -11.74 1.90
C GLU A 102 13.89 -12.57 1.60
N VAL A 103 14.35 -12.55 0.35
CA VAL A 103 15.55 -13.31 0.00
C VAL A 103 16.63 -12.38 -0.52
N GLY A 104 17.87 -12.85 -0.44
CA GLY A 104 18.99 -12.07 -0.92
C GLY A 104 19.05 -12.11 -2.42
N SER A 105 20.11 -11.51 -2.97
CA SER A 105 20.31 -11.48 -4.41
C SER A 105 20.50 -12.90 -4.96
N ASP A 106 20.94 -13.81 -4.10
CA ASP A 106 21.16 -15.20 -4.48
C ASP A 106 19.92 -16.10 -4.33
N GLY A 107 18.84 -15.52 -3.82
CA GLY A 107 17.61 -16.28 -3.64
C GLY A 107 17.47 -17.06 -2.34
N ARG A 108 18.40 -16.88 -1.39
CA ARG A 108 18.31 -17.59 -0.11
C ARG A 108 17.64 -16.72 0.93
N LEU A 109 16.79 -17.33 1.75
CA LEU A 109 16.06 -16.58 2.78
C LEU A 109 16.91 -15.66 3.67
N LEU A 110 16.41 -14.45 3.88
CA LEU A 110 17.05 -13.45 4.73
C LEU A 110 16.21 -13.36 6.00
N ARG A 111 14.90 -13.36 5.82
CA ARG A 111 13.95 -13.31 6.93
C ARG A 111 12.52 -13.64 6.51
N GLY A 112 11.74 -14.16 7.45
CA GLY A 112 10.34 -14.50 7.20
C GLY A 112 9.56 -13.87 8.34
N TYR A 113 8.26 -13.61 8.18
CA TYR A 113 7.48 -12.98 9.24
C TYR A 113 5.97 -13.16 9.15
N GLN A 114 5.28 -12.86 10.25
CA GLN A 114 3.83 -12.94 10.29
C GLN A 114 3.39 -12.21 11.54
N GLN A 115 2.70 -11.08 11.31
CA GLN A 115 2.20 -10.23 12.39
C GLN A 115 0.70 -9.98 12.25
N TYR A 116 -0.04 -10.26 13.33
CA TYR A 116 -1.48 -10.07 13.36
C TYR A 116 -1.84 -8.80 14.11
N ALA A 117 -3.04 -8.29 13.89
CA ALA A 117 -3.50 -7.09 14.57
C ALA A 117 -5.00 -7.14 14.69
N TYR A 118 -5.49 -6.69 15.83
CA TYR A 118 -6.91 -6.64 16.07
C TYR A 118 -7.25 -5.16 16.33
N ASP A 119 -8.19 -4.64 15.57
CA ASP A 119 -8.61 -3.24 15.70
C ASP A 119 -7.51 -2.19 15.56
N GLY A 120 -6.52 -2.48 14.72
CA GLY A 120 -5.43 -1.56 14.50
C GLY A 120 -4.32 -1.60 15.52
N CYS A 121 -4.38 -2.59 16.41
CA CYS A 121 -3.35 -2.73 17.43
C CYS A 121 -2.71 -4.11 17.38
N ASP A 122 -1.40 -4.14 17.55
CA ASP A 122 -0.65 -5.40 17.54
C ASP A 122 -1.39 -6.50 18.31
N TYR A 123 -1.36 -7.71 17.77
CA TYR A 123 -2.01 -8.82 18.45
C TYR A 123 -0.98 -9.89 18.80
N ILE A 124 -0.55 -10.65 17.80
CA ILE A 124 0.46 -11.68 18.03
C ILE A 124 1.42 -11.67 16.85
N ALA A 125 2.68 -12.02 17.09
CA ALA A 125 3.69 -12.01 16.05
C ALA A 125 4.74 -13.12 16.15
N LEU A 126 5.29 -13.52 15.01
CA LEU A 126 6.32 -14.54 14.98
C LEU A 126 7.62 -13.80 15.21
N ASN A 127 8.42 -14.28 16.15
CA ASN A 127 9.71 -13.65 16.42
C ASN A 127 10.68 -14.01 15.30
N GLU A 128 11.73 -13.19 15.17
CA GLU A 128 12.72 -13.39 14.11
C GLU A 128 13.34 -14.77 14.08
N ASP A 129 13.26 -15.49 15.18
CA ASP A 129 13.82 -16.85 15.24
C ASP A 129 12.94 -17.87 14.51
N LEU A 130 11.70 -17.48 14.19
CA LEU A 130 10.72 -18.31 13.50
C LEU A 130 10.30 -19.50 14.34
N LYS A 131 10.67 -19.49 15.62
CA LYS A 131 10.31 -20.60 16.49
C LYS A 131 9.31 -20.20 17.56
N THR A 132 9.32 -18.94 17.95
CA THR A 132 8.42 -18.48 19.01
C THR A 132 7.47 -17.37 18.58
N TRP A 133 6.56 -17.04 19.47
CA TRP A 133 5.55 -16.00 19.25
C TRP A 133 5.61 -14.94 20.33
N THR A 134 5.20 -13.72 20.01
CA THR A 134 5.17 -12.67 21.02
C THR A 134 3.77 -12.06 20.98
N ALA A 135 3.05 -12.24 22.08
CA ALA A 135 1.66 -11.77 22.27
C ALA A 135 1.58 -10.37 22.86
N ALA A 136 0.75 -9.52 22.24
CA ALA A 136 0.60 -8.14 22.67
C ALA A 136 -0.27 -7.91 23.91
N ASP A 137 -1.20 -8.83 24.19
CA ASP A 137 -2.06 -8.70 25.37
C ASP A 137 -2.49 -10.09 25.84
N MET A 138 -3.29 -10.14 26.89
CA MET A 138 -3.74 -11.43 27.41
C MET A 138 -4.65 -12.21 26.46
N ALA A 139 -5.29 -11.53 25.52
CA ALA A 139 -6.14 -12.21 24.54
C ALA A 139 -5.21 -13.00 23.61
N ALA A 140 -4.22 -12.32 23.06
CA ALA A 140 -3.25 -12.94 22.16
C ALA A 140 -2.52 -14.11 22.83
N LEU A 141 -2.39 -14.04 24.15
CA LEU A 141 -1.72 -15.11 24.90
C LEU A 141 -2.50 -16.43 24.81
N ILE A 142 -3.83 -16.35 24.77
CA ILE A 142 -4.67 -17.54 24.63
C ILE A 142 -4.34 -18.13 23.26
N THR A 143 -4.23 -17.27 22.26
CA THR A 143 -3.89 -17.72 20.91
C THR A 143 -2.50 -18.35 20.87
N LYS A 144 -1.55 -17.75 21.59
CA LYS A 144 -0.16 -18.24 21.63
C LYS A 144 -0.10 -19.67 22.17
N HIS A 145 -0.83 -19.92 23.26
CA HIS A 145 -0.87 -21.24 23.86
C HIS A 145 -1.49 -22.26 22.94
N LYS A 146 -2.57 -21.89 22.27
CA LYS A 146 -3.23 -22.79 21.34
C LYS A 146 -2.24 -23.22 20.26
N TRP A 147 -1.52 -22.24 19.72
CA TRP A 147 -0.53 -22.45 18.67
C TRP A 147 0.69 -23.23 19.13
N GLU A 148 1.06 -23.10 20.40
CA GLU A 148 2.19 -23.83 20.95
C GLU A 148 1.88 -25.31 21.05
N GLN A 149 0.67 -25.62 21.52
CA GLN A 149 0.21 -27.00 21.71
C GLN A 149 -0.02 -27.70 20.38
N ALA A 150 -0.46 -26.94 19.39
CA ALA A 150 -0.73 -27.45 18.04
C ALA A 150 0.52 -27.54 17.16
N GLY A 151 1.59 -26.83 17.55
CA GLY A 151 2.81 -26.85 16.78
C GLY A 151 2.74 -26.01 15.51
N GLU A 152 1.97 -24.93 15.58
CA GLU A 152 1.79 -24.02 14.45
C GLU A 152 3.08 -23.38 13.96
N ALA A 153 4.03 -23.17 14.87
CA ALA A 153 5.31 -22.54 14.55
C ALA A 153 6.10 -23.30 13.49
N GLU A 154 6.18 -24.62 13.63
CA GLU A 154 6.94 -25.41 12.67
C GLU A 154 6.27 -25.39 11.32
N ARG A 155 4.94 -25.43 11.32
CA ARG A 155 4.18 -25.39 10.09
C ARG A 155 4.39 -24.05 9.35
N LEU A 156 4.35 -22.96 10.10
CA LEU A 156 4.53 -21.63 9.52
C LEU A 156 5.96 -21.43 9.00
N ARG A 157 6.94 -21.91 9.76
CA ARG A 157 8.33 -21.79 9.33
C ARG A 157 8.64 -22.71 8.14
N ALA A 158 7.92 -23.82 8.04
CA ALA A 158 8.09 -24.73 6.91
C ALA A 158 7.63 -23.97 5.66
N TYR A 159 6.59 -23.17 5.81
CA TYR A 159 6.06 -22.37 4.71
C TYR A 159 7.01 -21.22 4.36
N LEU A 160 7.46 -20.48 5.38
CA LEU A 160 8.35 -19.35 5.20
C LEU A 160 9.65 -19.70 4.47
N GLU A 161 10.30 -20.76 4.93
CA GLU A 161 11.56 -21.22 4.34
C GLU A 161 11.35 -22.04 3.09
N GLY A 162 10.19 -22.66 2.97
CA GLY A 162 9.91 -23.50 1.82
C GLY A 162 9.06 -22.84 0.76
N THR A 163 7.75 -23.09 0.83
CA THR A 163 6.80 -22.52 -0.12
C THR A 163 7.02 -21.04 -0.44
N CYS A 164 7.13 -20.22 0.59
CA CYS A 164 7.31 -18.78 0.39
C CYS A 164 8.55 -18.47 -0.43
N VAL A 165 9.67 -19.06 -0.05
CA VAL A 165 10.93 -18.82 -0.74
C VAL A 165 10.95 -19.33 -2.18
N GLU A 166 10.47 -20.55 -2.39
CA GLU A 166 10.45 -21.15 -3.72
C GLU A 166 9.54 -20.45 -4.71
N TRP A 167 8.37 -20.04 -4.24
CA TRP A 167 7.45 -19.38 -5.13
C TRP A 167 7.89 -17.96 -5.40
N LEU A 168 8.57 -17.34 -4.44
CA LEU A 168 9.07 -15.98 -4.65
C LEU A 168 10.08 -15.99 -5.80
N ARG A 169 10.96 -16.99 -5.80
CA ARG A 169 11.98 -17.14 -6.84
C ARG A 169 11.34 -17.41 -8.19
N ARG A 170 10.25 -18.18 -8.17
CA ARG A 170 9.55 -18.48 -9.40
C ARG A 170 8.94 -17.20 -9.98
N TYR A 171 8.28 -16.40 -9.14
CA TYR A 171 7.66 -15.16 -9.57
C TYR A 171 8.66 -14.20 -10.16
N LEU A 172 9.85 -14.18 -9.55
CA LEU A 172 10.94 -13.32 -10.00
C LEU A 172 11.45 -13.75 -11.34
N LYS A 173 11.41 -15.06 -11.59
CA LYS A 173 11.86 -15.64 -12.83
C LYS A 173 10.89 -15.24 -13.94
N ASN A 174 9.63 -15.62 -13.75
CA ASN A 174 8.54 -15.36 -14.70
C ASN A 174 8.29 -13.89 -14.94
N GLY A 175 8.50 -13.08 -13.91
CA GLY A 175 8.28 -11.65 -14.05
C GLY A 175 9.56 -10.85 -14.00
N ASN A 176 10.65 -11.38 -14.56
CA ASN A 176 11.94 -10.71 -14.54
C ASN A 176 11.93 -9.39 -15.30
N ALA A 177 11.28 -9.36 -16.47
CA ALA A 177 11.23 -8.17 -17.30
C ALA A 177 10.59 -6.99 -16.59
N THR A 178 9.75 -7.27 -15.60
CA THR A 178 9.09 -6.22 -14.87
C THR A 178 9.65 -6.01 -13.45
N LEU A 179 9.79 -7.09 -12.70
CA LEU A 179 10.30 -7.00 -11.32
C LEU A 179 11.78 -6.61 -11.20
N LEU A 180 12.57 -6.93 -12.20
CA LEU A 180 14.00 -6.62 -12.16
C LEU A 180 14.39 -5.36 -12.95
N ARG A 181 13.41 -4.62 -13.45
CA ARG A 181 13.68 -3.41 -14.22
C ARG A 181 14.00 -2.20 -13.33
N THR A 182 14.50 -1.14 -13.94
CA THR A 182 14.80 0.08 -13.23
C THR A 182 14.28 1.24 -14.06
N ASP A 183 13.28 1.95 -13.54
CA ASP A 183 12.72 3.11 -14.23
C ASP A 183 13.27 4.33 -13.53
N SER A 184 14.08 5.11 -14.24
CA SER A 184 14.69 6.31 -13.67
C SER A 184 13.71 7.46 -13.46
N PRO A 185 13.84 8.18 -12.32
CA PRO A 185 12.96 9.32 -12.01
C PRO A 185 13.19 10.52 -12.94
N LYS A 186 12.12 11.26 -13.16
CA LYS A 186 12.13 12.46 -13.98
C LYS A 186 11.75 13.55 -12.98
N ALA A 187 12.69 14.44 -12.67
CA ALA A 187 12.45 15.47 -11.68
C ALA A 187 11.98 16.81 -12.23
N HIS A 188 11.23 17.54 -11.41
CA HIS A 188 10.71 18.87 -11.77
C HIS A 188 10.64 19.71 -10.51
N VAL A 189 10.56 21.02 -10.67
CA VAL A 189 10.45 21.93 -9.54
C VAL A 189 9.41 23.00 -9.82
N THR A 190 8.49 23.20 -8.88
CA THR A 190 7.44 24.21 -9.01
C THR A 190 7.60 25.24 -7.89
N HIS A 191 7.08 26.43 -8.12
CA HIS A 191 7.17 27.54 -7.16
C HIS A 191 5.78 28.12 -6.94
N HIS A 192 5.47 28.44 -5.69
CA HIS A 192 4.16 29.02 -5.36
C HIS A 192 4.29 30.18 -4.38
N SER A 193 3.57 31.26 -4.67
CA SER A 193 3.57 32.46 -3.82
C SER A 193 3.17 32.14 -2.39
N ARG A 194 3.55 33.01 -1.47
CA ARG A 194 3.22 32.89 -0.06
C ARG A 194 3.12 34.28 0.55
N PRO A 195 2.31 34.45 1.60
CA PRO A 195 2.10 35.72 2.28
C PRO A 195 3.32 36.61 2.64
N GLU A 196 4.05 36.24 3.68
CA GLU A 196 5.19 37.04 4.15
C GLU A 196 6.43 37.09 3.29
N ASP A 197 6.28 37.44 2.01
CA ASP A 197 7.41 37.52 1.10
C ASP A 197 8.29 36.28 1.17
N LYS A 198 7.66 35.11 1.05
CA LYS A 198 8.36 33.83 1.06
C LYS A 198 7.78 33.04 -0.10
N VAL A 199 8.41 31.93 -0.47
CA VAL A 199 7.92 31.11 -1.56
C VAL A 199 8.00 29.63 -1.19
N THR A 200 7.20 28.82 -1.86
CA THR A 200 7.19 27.38 -1.65
C THR A 200 7.85 26.75 -2.88
N LEU A 201 8.90 25.99 -2.67
CA LEU A 201 9.61 25.32 -3.76
C LEU A 201 9.31 23.84 -3.62
N ARG A 202 8.69 23.25 -4.63
CA ARG A 202 8.35 21.85 -4.54
C ARG A 202 9.09 21.01 -5.56
N CYS A 203 9.76 19.98 -5.08
CA CYS A 203 10.50 19.11 -5.97
C CYS A 203 9.72 17.84 -6.28
N TRP A 204 9.50 17.58 -7.56
CA TRP A 204 8.77 16.37 -7.98
C TRP A 204 9.71 15.32 -8.56
N ALA A 205 9.35 14.05 -8.37
CA ALA A 205 10.10 12.91 -8.89
C ALA A 205 9.00 12.01 -9.45
N LEU A 206 9.06 11.73 -10.76
CA LEU A 206 8.02 10.95 -11.41
C LEU A 206 8.50 9.73 -12.17
N GLY A 207 7.61 8.76 -12.31
CA GLY A 207 7.89 7.54 -13.06
C GLY A 207 9.01 6.60 -12.68
N PHE A 208 9.32 6.49 -11.39
CA PHE A 208 10.40 5.60 -10.98
C PHE A 208 10.00 4.20 -10.53
N TYR A 209 11.01 3.33 -10.45
CA TYR A 209 10.84 1.95 -10.01
C TYR A 209 12.21 1.33 -9.82
N PRO A 210 12.44 0.67 -8.67
CA PRO A 210 11.51 0.45 -7.54
C PRO A 210 11.09 1.72 -6.77
N ALA A 211 10.29 1.51 -5.74
CA ALA A 211 9.78 2.61 -4.95
C ALA A 211 10.79 3.42 -4.15
N ASP A 212 11.76 2.77 -3.51
CA ASP A 212 12.72 3.49 -2.69
C ASP A 212 13.43 4.61 -3.41
N ILE A 213 13.44 5.78 -2.78
CA ILE A 213 14.05 6.98 -3.34
C ILE A 213 14.25 8.01 -2.23
N THR A 214 15.23 8.88 -2.41
CA THR A 214 15.50 9.94 -1.45
C THR A 214 15.46 11.31 -2.15
N LEU A 215 14.71 12.24 -1.56
CA LEU A 215 14.59 13.62 -2.05
C LEU A 215 15.00 14.56 -0.94
N THR A 216 15.86 15.54 -1.24
CA THR A 216 16.30 16.49 -0.22
C THR A 216 16.50 17.89 -0.79
N TRP A 217 16.47 18.88 0.09
CA TRP A 217 16.70 20.28 -0.27
C TRP A 217 17.93 20.72 0.49
N GLN A 218 18.83 21.43 -0.19
CA GLN A 218 20.04 21.90 0.45
C GLN A 218 20.27 23.40 0.32
N LEU A 219 20.89 23.97 1.34
CA LEU A 219 21.21 25.38 1.38
C LEU A 219 22.70 25.53 1.57
N ASN A 220 23.41 25.71 0.46
CA ASN A 220 24.86 25.88 0.44
C ASN A 220 25.53 24.64 1.04
N GLY A 221 25.08 23.47 0.58
CA GLY A 221 25.64 22.22 1.04
C GLY A 221 24.93 21.54 2.19
N GLU A 222 24.27 22.30 3.06
CA GLU A 222 23.57 21.73 4.22
C GLU A 222 22.14 21.26 3.93
N GLU A 223 21.80 20.05 4.34
CA GLU A 223 20.45 19.52 4.12
C GLU A 223 19.43 20.19 5.04
N LEU A 224 18.27 20.54 4.50
CA LEU A 224 17.22 21.20 5.27
C LEU A 224 16.12 20.24 5.68
N ILE A 225 16.50 19.04 6.12
CA ILE A 225 15.52 18.02 6.55
C ILE A 225 14.85 18.46 7.87
N GLN A 226 14.14 19.58 7.84
CA GLN A 226 13.48 20.08 9.04
C GLN A 226 12.19 20.81 8.67
N ASP A 227 12.36 21.98 8.07
CA ASP A 227 11.24 22.83 7.62
C ASP A 227 10.77 22.37 6.24
N MET A 228 11.19 21.16 5.87
CA MET A 228 10.85 20.55 4.62
C MET A 228 9.57 19.71 4.77
N GLU A 229 8.67 19.84 3.80
CA GLU A 229 7.42 19.08 3.82
C GLU A 229 7.53 18.01 2.74
N LEU A 230 6.75 16.94 2.87
CA LEU A 230 6.79 15.88 1.87
C LEU A 230 5.63 14.91 2.02
N VAL A 231 5.48 14.04 1.04
CA VAL A 231 4.44 13.01 1.09
C VAL A 231 5.17 11.68 0.95
N GLU A 232 4.56 10.61 1.46
CA GLU A 232 5.17 9.28 1.35
C GLU A 232 5.15 8.91 -0.14
N THR A 233 6.07 8.07 -0.55
CA THR A 233 6.11 7.65 -1.96
C THR A 233 4.77 6.99 -2.32
N ARG A 234 4.21 7.38 -3.46
CA ARG A 234 2.90 6.90 -3.92
C ARG A 234 2.88 6.23 -5.28
N PRO A 235 2.05 5.18 -5.42
CA PRO A 235 1.94 4.47 -6.71
C PRO A 235 1.19 5.37 -7.69
N ALA A 236 1.58 5.34 -8.95
CA ALA A 236 0.95 6.19 -9.96
C ALA A 236 -0.02 5.51 -10.93
N GLY A 237 -0.40 4.27 -10.67
CA GLY A 237 -1.35 3.59 -11.54
C GLY A 237 -0.89 2.73 -12.72
N ASP A 238 0.41 2.70 -12.99
CA ASP A 238 0.92 1.89 -14.11
C ASP A 238 2.12 1.03 -13.67
N GLY A 239 2.30 0.94 -12.35
CA GLY A 239 3.39 0.15 -11.80
C GLY A 239 4.59 0.99 -11.42
N THR A 240 4.47 2.31 -11.51
CA THR A 240 5.58 3.21 -11.16
C THR A 240 5.17 4.07 -9.96
N PHE A 241 6.11 4.85 -9.46
CA PHE A 241 5.84 5.68 -8.29
C PHE A 241 6.23 7.15 -8.44
N GLN A 242 5.79 7.97 -7.50
CA GLN A 242 6.11 9.39 -7.48
C GLN A 242 6.23 9.94 -6.05
N LYS A 243 6.84 11.11 -5.90
CA LYS A 243 7.04 11.74 -4.61
C LYS A 243 7.39 13.21 -4.77
N TRP A 244 7.06 14.01 -3.76
CA TRP A 244 7.41 15.41 -3.78
C TRP A 244 7.87 15.89 -2.42
N ALA A 245 8.74 16.90 -2.43
CA ALA A 245 9.30 17.48 -1.20
C ALA A 245 9.44 18.98 -1.39
N SER A 246 9.11 19.73 -0.35
CA SER A 246 9.20 21.18 -0.47
C SER A 246 9.77 21.90 0.73
N VAL A 247 10.24 23.13 0.50
CA VAL A 247 10.79 23.99 1.54
C VAL A 247 10.22 25.35 1.28
N VAL A 248 10.10 26.13 2.35
CA VAL A 248 9.62 27.50 2.23
C VAL A 248 10.85 28.39 2.37
N VAL A 249 11.23 29.04 1.28
CA VAL A 249 12.42 29.91 1.26
C VAL A 249 12.05 31.39 1.06
N PRO A 250 12.93 32.31 1.53
CA PRO A 250 12.67 33.75 1.38
C PRO A 250 12.57 34.16 -0.08
N LEU A 251 11.63 35.05 -0.36
CA LEU A 251 11.43 35.54 -1.72
C LEU A 251 12.74 36.13 -2.21
N GLY A 252 13.11 35.80 -3.45
CA GLY A 252 14.34 36.31 -4.00
C GLY A 252 15.61 35.63 -3.51
N LYS A 253 15.48 34.46 -2.91
CA LYS A 253 16.65 33.70 -2.44
C LYS A 253 16.54 32.27 -2.94
N GLU A 254 15.66 32.07 -3.92
CA GLU A 254 15.41 30.74 -4.48
C GLU A 254 16.61 30.02 -5.12
N GLN A 255 17.39 30.73 -5.91
CA GLN A 255 18.56 30.15 -6.57
C GLN A 255 19.64 29.57 -5.64
N TYR A 256 19.46 29.77 -4.33
CA TYR A 256 20.40 29.27 -3.32
C TYR A 256 20.00 27.87 -2.80
N TYR A 257 18.90 27.33 -3.34
CA TYR A 257 18.39 26.02 -2.93
C TYR A 257 18.45 25.00 -4.07
N THR A 258 18.78 23.77 -3.72
CA THR A 258 18.89 22.69 -4.69
C THR A 258 18.18 21.42 -4.21
N CYS A 259 17.48 20.78 -5.13
CA CYS A 259 16.79 19.54 -4.83
C CYS A 259 17.68 18.38 -5.26
N HIS A 260 17.87 17.39 -4.39
CA HIS A 260 18.70 16.24 -4.73
C HIS A 260 17.88 14.95 -4.81
N VAL A 261 17.92 14.30 -5.97
CA VAL A 261 17.19 13.04 -6.17
C VAL A 261 18.12 11.83 -6.28
N TYR A 262 18.07 10.93 -5.30
CA TYR A 262 18.91 9.72 -5.30
C TYR A 262 18.00 8.53 -5.61
N HIS A 263 18.41 7.70 -6.56
CA HIS A 263 17.61 6.54 -6.94
C HIS A 263 18.44 5.51 -7.65
N GLN A 264 17.93 4.28 -7.66
CA GLN A 264 18.59 3.15 -8.32
C GLN A 264 18.79 3.42 -9.82
N GLY A 265 17.86 4.15 -10.43
CA GLY A 265 17.97 4.47 -11.84
C GLY A 265 18.77 5.74 -12.10
N LEU A 266 19.45 6.23 -11.08
CA LEU A 266 20.26 7.44 -11.23
C LEU A 266 21.72 7.19 -10.90
N PRO A 267 22.54 6.88 -11.91
CA PRO A 267 23.97 6.63 -11.75
C PRO A 267 24.54 7.74 -10.87
N GLU A 268 24.28 8.98 -11.29
CA GLU A 268 24.70 10.12 -10.49
C GLU A 268 23.40 10.85 -10.14
N PRO A 269 23.24 11.26 -8.87
CA PRO A 269 22.07 11.95 -8.35
C PRO A 269 21.74 13.22 -9.12
N LEU A 270 20.44 13.52 -9.19
CA LEU A 270 19.96 14.71 -9.87
C LEU A 270 19.97 15.90 -8.93
N THR A 271 20.28 17.07 -9.48
CA THR A 271 20.26 18.30 -8.71
C THR A 271 19.45 19.32 -9.50
N LEU A 272 18.41 19.85 -8.85
CA LEU A 272 17.54 20.83 -9.48
C LEU A 272 17.45 22.15 -8.74
N ARG A 273 17.25 23.19 -9.52
CA ARG A 273 17.09 24.54 -9.02
C ARG A 273 15.93 25.13 -9.81
N TRP A 274 15.36 26.21 -9.30
CA TRP A 274 14.26 26.85 -10.00
C TRP A 274 14.76 28.02 -10.82
N ILE B 1 -6.83 3.55 17.67
CA ILE B 1 -8.26 3.99 17.65
C ILE B 1 -8.75 4.35 16.24
N GLN B 2 -9.15 5.62 16.04
CA GLN B 2 -9.64 6.09 14.76
C GLN B 2 -8.67 7.09 14.12
N LYS B 3 -8.36 6.88 12.84
CA LYS B 3 -7.47 7.75 12.09
C LYS B 3 -8.13 8.29 10.83
N THR B 4 -8.10 9.62 10.68
CA THR B 4 -8.69 10.28 9.52
C THR B 4 -7.79 10.09 8.30
N PRO B 5 -8.38 9.81 7.13
CA PRO B 5 -7.64 9.60 5.87
C PRO B 5 -7.07 10.85 5.19
N GLN B 6 -5.89 10.67 4.60
CA GLN B 6 -5.20 11.71 3.85
C GLN B 6 -5.48 11.38 2.41
N ILE B 7 -6.14 12.28 1.69
CA ILE B 7 -6.47 12.05 0.28
C ILE B 7 -5.49 12.82 -0.60
N GLN B 8 -4.95 12.17 -1.61
CA GLN B 8 -4.00 12.79 -2.53
C GLN B 8 -4.39 12.50 -3.96
N VAL B 9 -4.57 13.56 -4.74
CA VAL B 9 -5.00 13.46 -6.14
C VAL B 9 -3.88 13.94 -7.05
N TYR B 10 -3.41 13.08 -7.95
CA TYR B 10 -2.32 13.43 -8.86
C TYR B 10 -2.36 12.68 -10.20
N SER B 11 -1.70 13.22 -11.22
CA SER B 11 -1.65 12.57 -12.53
C SER B 11 -0.32 11.82 -12.66
N ARG B 12 -0.30 10.79 -13.52
CA ARG B 12 0.91 10.01 -13.74
C ARG B 12 1.98 10.86 -14.43
N HIS B 13 1.57 11.58 -15.46
CA HIS B 13 2.48 12.44 -16.19
C HIS B 13 2.12 13.89 -15.96
N PRO B 14 3.04 14.82 -16.28
CA PRO B 14 2.64 16.20 -16.06
C PRO B 14 1.53 16.42 -17.10
N PRO B 15 0.41 17.06 -16.73
CA PRO B 15 -0.70 17.30 -17.64
C PRO B 15 -0.33 18.07 -18.92
N GLU B 16 -1.04 17.77 -19.98
CA GLU B 16 -0.83 18.37 -21.29
C GLU B 16 -2.15 18.10 -21.99
N ASN B 17 -2.96 19.14 -22.12
CA ASN B 17 -4.27 19.02 -22.75
C ASN B 17 -4.18 18.26 -24.05
N GLY B 18 -4.98 17.21 -24.18
CA GLY B 18 -4.95 16.41 -25.39
C GLY B 18 -4.19 15.10 -25.24
N LYS B 19 -3.12 15.09 -24.46
CA LYS B 19 -2.35 13.86 -24.28
C LYS B 19 -2.94 12.97 -23.18
N PRO B 20 -3.13 11.66 -23.46
CA PRO B 20 -3.68 10.74 -22.45
C PRO B 20 -2.81 10.69 -21.20
N ASN B 21 -3.43 10.39 -20.07
CA ASN B 21 -2.73 10.36 -18.80
C ASN B 21 -3.49 9.41 -17.87
N ILE B 22 -3.12 9.41 -16.60
CA ILE B 22 -3.76 8.58 -15.60
C ILE B 22 -3.97 9.46 -14.39
N LEU B 23 -5.19 9.55 -13.88
CA LEU B 23 -5.48 10.35 -12.70
C LEU B 23 -5.54 9.40 -11.50
N ASN B 24 -4.92 9.79 -10.39
CA ASN B 24 -4.87 8.94 -9.20
C ASN B 24 -5.45 9.64 -7.98
N CYS B 25 -5.91 8.82 -7.04
CA CYS B 25 -6.46 9.29 -5.77
C CYS B 25 -5.99 8.29 -4.73
N TYR B 26 -4.93 8.64 -4.05
CA TYR B 26 -4.37 7.79 -3.04
C TYR B 26 -4.95 8.17 -1.69
N VAL B 27 -5.68 7.25 -1.06
CA VAL B 27 -6.26 7.50 0.26
C VAL B 27 -5.42 6.70 1.27
N THR B 28 -4.87 7.40 2.24
CA THR B 28 -3.98 6.79 3.21
C THR B 28 -4.17 7.11 4.69
N GLN B 29 -3.45 6.35 5.50
CA GLN B 29 -3.43 6.50 6.95
C GLN B 29 -4.78 6.48 7.65
N PHE B 30 -5.71 5.66 7.15
CA PHE B 30 -7.04 5.59 7.76
C PHE B 30 -7.37 4.30 8.51
N HIS B 31 -8.37 4.37 9.38
CA HIS B 31 -8.79 3.22 10.15
C HIS B 31 -10.07 3.62 10.87
N PRO B 32 -11.11 2.76 10.88
CA PRO B 32 -11.25 1.42 10.28
C PRO B 32 -11.18 1.39 8.74
N PRO B 33 -11.02 0.17 8.16
CA PRO B 33 -10.92 -0.06 6.70
C PRO B 33 -12.10 0.33 5.82
N HIS B 34 -13.30 0.31 6.38
CA HIS B 34 -14.49 0.67 5.61
C HIS B 34 -14.36 2.11 5.15
N ILE B 35 -14.49 2.30 3.85
CA ILE B 35 -14.38 3.62 3.25
C ILE B 35 -15.00 3.61 1.85
N GLU B 36 -15.45 4.77 1.40
CA GLU B 36 -16.04 4.91 0.09
C GLU B 36 -15.23 5.98 -0.64
N ILE B 37 -14.67 5.62 -1.79
CA ILE B 37 -13.85 6.53 -2.60
C ILE B 37 -14.48 6.73 -3.98
N GLN B 38 -14.70 8.00 -4.35
CA GLN B 38 -15.32 8.35 -5.63
C GLN B 38 -14.51 9.39 -6.43
N MET B 39 -14.23 9.08 -7.69
CA MET B 39 -13.50 10.00 -8.55
C MET B 39 -14.49 10.71 -9.46
N LEU B 40 -14.39 12.03 -9.50
CA LEU B 40 -15.33 12.80 -10.28
C LEU B 40 -14.73 13.64 -11.38
N LYS B 41 -15.44 13.72 -12.50
CA LYS B 41 -15.04 14.53 -13.64
C LYS B 41 -16.16 15.54 -13.80
N ASN B 42 -15.87 16.80 -13.53
CA ASN B 42 -16.87 17.87 -13.64
C ASN B 42 -18.10 17.55 -12.80
N GLY B 43 -17.83 17.15 -11.55
CA GLY B 43 -18.86 16.82 -10.58
C GLY B 43 -19.59 15.52 -10.79
N LYS B 44 -19.29 14.81 -11.89
CA LYS B 44 -19.95 13.56 -12.19
C LYS B 44 -19.05 12.34 -11.92
N LYS B 45 -19.62 11.31 -11.32
CA LYS B 45 -18.89 10.11 -10.98
C LYS B 45 -18.30 9.41 -12.22
N ILE B 46 -17.03 9.05 -12.14
CA ILE B 46 -16.39 8.35 -13.23
C ILE B 46 -16.62 6.84 -13.12
N PRO B 47 -17.09 6.21 -14.21
CA PRO B 47 -17.39 4.79 -14.32
C PRO B 47 -16.26 3.76 -14.16
N LYS B 48 -15.33 3.79 -15.08
CA LYS B 48 -14.22 2.82 -15.09
C LYS B 48 -13.08 3.03 -14.08
N VAL B 49 -13.43 3.28 -12.82
CA VAL B 49 -12.42 3.49 -11.79
C VAL B 49 -11.83 2.18 -11.28
N GLU B 50 -10.50 2.11 -11.23
CA GLU B 50 -9.81 0.92 -10.77
C GLU B 50 -9.26 1.08 -9.36
N MET B 51 -9.56 0.11 -8.51
CA MET B 51 -9.09 0.11 -7.13
C MET B 51 -7.92 -0.85 -7.04
N SER B 52 -6.80 -0.39 -6.49
CA SER B 52 -5.61 -1.21 -6.38
C SER B 52 -4.66 -0.76 -5.29
N ASP B 53 -3.49 -1.41 -5.23
CA ASP B 53 -2.46 -1.10 -4.27
C ASP B 53 -2.97 -0.93 -2.85
N MET B 54 -3.74 -1.90 -2.40
CA MET B 54 -4.27 -1.87 -1.06
C MET B 54 -3.17 -2.40 -0.15
N SER B 55 -2.97 -1.76 0.99
CA SER B 55 -1.94 -2.18 1.93
C SER B 55 -2.10 -1.44 3.25
N PHE B 56 -1.26 -1.79 4.22
CA PHE B 56 -1.26 -1.10 5.49
C PHE B 56 0.17 -0.88 6.01
N SER B 57 0.38 0.23 6.69
CA SER B 57 1.70 0.56 7.23
C SER B 57 2.02 -0.21 8.51
N LYS B 58 3.17 0.11 9.11
CA LYS B 58 3.58 -0.55 10.33
C LYS B 58 2.56 -0.34 11.45
N ASP B 59 1.96 0.86 11.52
CA ASP B 59 0.97 1.15 12.55
C ASP B 59 -0.44 0.66 12.20
N TRP B 60 -0.52 -0.18 11.17
CA TRP B 60 -1.78 -0.79 10.71
C TRP B 60 -2.77 0.08 9.95
N SER B 61 -2.40 1.34 9.71
CA SER B 61 -3.25 2.28 8.97
C SER B 61 -3.40 1.75 7.53
N PHE B 62 -4.57 1.98 6.93
CA PHE B 62 -4.82 1.49 5.58
C PHE B 62 -4.45 2.46 4.48
N TYR B 63 -4.10 1.90 3.32
CA TYR B 63 -3.70 2.63 2.12
C TYR B 63 -4.39 1.96 0.93
N ILE B 64 -4.89 2.75 0.00
CA ILE B 64 -5.53 2.20 -1.19
C ILE B 64 -5.54 3.23 -2.30
N LEU B 65 -5.31 2.77 -3.52
CA LEU B 65 -5.29 3.67 -4.66
C LEU B 65 -6.49 3.49 -5.56
N ALA B 66 -6.97 4.62 -6.09
CA ALA B 66 -8.08 4.65 -7.02
C ALA B 66 -7.52 5.37 -8.25
N HIS B 67 -7.62 4.76 -9.42
CA HIS B 67 -7.11 5.44 -10.58
C HIS B 67 -7.92 5.18 -11.84
N THR B 68 -7.76 6.07 -12.81
CA THR B 68 -8.49 5.98 -14.07
C THR B 68 -7.71 6.74 -15.13
N GLU B 69 -7.91 6.35 -16.39
CA GLU B 69 -7.25 7.01 -17.50
C GLU B 69 -8.07 8.24 -17.85
N PHE B 70 -7.40 9.31 -18.23
CA PHE B 70 -8.10 10.52 -18.62
C PHE B 70 -7.27 11.37 -19.58
N THR B 71 -7.94 12.01 -20.53
CA THR B 71 -7.25 12.89 -21.46
C THR B 71 -7.62 14.28 -20.94
N PRO B 72 -6.65 14.96 -20.31
CA PRO B 72 -6.93 16.30 -19.77
C PRO B 72 -7.30 17.35 -20.82
N THR B 73 -8.12 18.29 -20.37
CA THR B 73 -8.61 19.42 -21.15
C THR B 73 -8.47 20.63 -20.21
N GLU B 74 -8.34 21.82 -20.76
CA GLU B 74 -8.21 23.00 -19.90
C GLU B 74 -9.51 23.28 -19.13
N THR B 75 -10.64 22.89 -19.73
CA THR B 75 -11.97 23.07 -19.16
C THR B 75 -12.32 22.11 -18.02
N ASP B 76 -12.12 20.82 -18.27
CA ASP B 76 -12.45 19.79 -17.29
C ASP B 76 -11.75 19.91 -15.94
N THR B 77 -12.48 19.57 -14.89
CA THR B 77 -11.96 19.59 -13.52
C THR B 77 -12.22 18.19 -12.94
N TYR B 78 -11.32 17.71 -12.07
CA TYR B 78 -11.48 16.39 -11.48
C TYR B 78 -11.25 16.46 -9.98
N ALA B 79 -11.90 15.56 -9.25
CA ALA B 79 -11.78 15.52 -7.79
C ALA B 79 -11.99 14.12 -7.26
N CYS B 80 -11.81 13.97 -5.96
CA CYS B 80 -11.98 12.68 -5.33
C CYS B 80 -12.77 12.91 -4.05
N ARG B 81 -13.95 12.30 -3.96
CA ARG B 81 -14.80 12.43 -2.77
C ARG B 81 -14.67 11.13 -1.94
N VAL B 82 -14.34 11.29 -0.66
CA VAL B 82 -14.15 10.16 0.24
C VAL B 82 -15.06 10.20 1.48
N LYS B 83 -15.65 9.06 1.83
CA LYS B 83 -16.52 8.97 3.00
C LYS B 83 -15.92 8.00 3.99
N HIS B 84 -15.65 8.48 5.21
CA HIS B 84 -15.08 7.62 6.25
C HIS B 84 -15.70 7.98 7.59
N ASP B 85 -15.69 7.03 8.52
CA ASP B 85 -16.27 7.23 9.85
C ASP B 85 -15.62 8.35 10.66
N SER B 86 -14.36 8.65 10.37
CA SER B 86 -13.64 9.71 11.07
C SER B 86 -14.18 11.09 10.70
N MET B 87 -15.06 11.14 9.71
CA MET B 87 -15.65 12.39 9.23
C MET B 87 -17.17 12.25 9.09
N ALA B 88 -17.93 13.16 9.67
CA ALA B 88 -19.38 13.10 9.54
C ALA B 88 -19.71 13.65 8.15
N GLU B 89 -18.83 14.52 7.67
CA GLU B 89 -18.95 15.19 6.37
C GLU B 89 -17.97 14.64 5.34
N PRO B 90 -18.48 14.07 4.23
CA PRO B 90 -17.59 13.52 3.20
C PRO B 90 -16.59 14.55 2.67
N LYS B 91 -15.34 14.14 2.53
CA LYS B 91 -14.26 15.00 2.07
C LYS B 91 -13.93 14.82 0.58
N THR B 92 -13.87 15.94 -0.13
CA THR B 92 -13.56 15.96 -1.55
C THR B 92 -12.29 16.73 -1.76
N VAL B 93 -11.32 16.12 -2.44
CA VAL B 93 -10.06 16.79 -2.72
C VAL B 93 -9.99 16.98 -4.24
N TYR B 94 -9.61 18.19 -4.66
CA TYR B 94 -9.52 18.51 -6.08
C TYR B 94 -8.16 18.30 -6.70
N TRP B 95 -8.16 18.18 -8.03
CA TRP B 95 -6.94 18.00 -8.77
C TRP B 95 -6.37 19.37 -9.14
N ASP B 96 -5.29 19.75 -8.47
CA ASP B 96 -4.62 21.01 -8.73
C ASP B 96 -3.49 20.68 -9.69
N ARG B 97 -3.72 20.94 -10.98
CA ARG B 97 -2.73 20.61 -11.98
C ARG B 97 -1.45 21.46 -11.93
N ASP B 98 -1.49 22.55 -11.18
CA ASP B 98 -0.33 23.43 -11.08
C ASP B 98 0.48 23.28 -9.81
N MET B 99 0.13 22.28 -8.99
CA MET B 99 0.82 22.02 -7.73
C MET B 99 2.31 21.69 -7.92
N ARG C 1 3.01 -17.82 -3.53
CA ARG C 1 1.81 -18.57 -3.11
C ARG C 1 1.47 -18.24 -1.65
N GLY C 2 0.17 -18.09 -1.37
CA GLY C 2 -0.27 -17.74 -0.04
C GLY C 2 -0.32 -18.85 0.98
N TYR C 3 -0.26 -18.45 2.25
CA TYR C 3 -0.29 -19.38 3.37
C TYR C 3 -1.73 -19.74 3.75
N VAL C 4 -1.88 -20.85 4.46
CA VAL C 4 -3.21 -21.24 4.95
C VAL C 4 -3.16 -20.95 6.45
N TYR C 5 -3.84 -19.90 6.89
CA TYR C 5 -3.85 -19.50 8.30
C TYR C 5 -4.58 -20.44 9.25
N GLY C 7 -6.63 -20.86 12.95
CA GLY C 7 -7.47 -20.05 13.81
C GLY C 7 -6.87 -19.52 15.11
N LEU C 8 -7.28 -18.29 15.46
CA LEU C 8 -6.83 -17.61 16.69
C LEU C 8 -7.47 -18.18 17.96
#